data_3IZY
#
_entry.id   3IZY
#
_cell.length_a   1.000
_cell.length_b   1.000
_cell.length_c   1.000
_cell.angle_alpha   90.00
_cell.angle_beta   90.00
_cell.angle_gamma   90.00
#
_symmetry.space_group_name_H-M   'P 1'
#
loop_
_entity.id
_entity.type
_entity.pdbx_description
1 polymer tRNA-Phe
2 polymer 'Translation initiation factor IF-2, mitochondrial'
#
loop_
_entity_poly.entity_id
_entity_poly.type
_entity_poly.pdbx_seq_one_letter_code
_entity_poly.pdbx_strand_id
1 'polyribonucleotide' GCGGAUUUAGCUCAGUUGGGAGAGCGCCAGACUGAAGAUCUGGAGGUCCUGUGUUCGAUCCACAGAAUUCGCACCA N
2 'polypeptide(L)'
;IPRSPVVTIMGHVDHGKTTLLDKLRKTQVAAMEAGGITQHIGAFLVSLPSGEKITFLDTPGHAAFSAMRARGTQVTDIVI
LVVAADDGVMKQTVESIQHAKDAHVPIVLAINKCDKAEADPEKVKKELLAYDVVCEDYGGDVQAVHVSALTGENMMALAE
ATIALAEMLELKADPTGAVEGTVIESFTDKGRGPVTTAIIQRGTLRKGSILVAGKSWAKVRLMFDENGRAVNEAYPSMPV
GIIGWRDLPSAGDEILEVESEPRAREVVDWRKYEQEQEKNKEDLKLIEEKRKEHQEAHRKDREKYGTVHWKERSYIKYRE
KRQQQPLKPKEKLERDSNVLPVIVKGDVDGSVEAILNVMDTYDASHECELDLVHFGVGDISENDVNLAETFHGVIYGFNV
NAGNVIQQLAAKKGVKIKLHKIIYRLIEDLQEELSSRLPCIVEEHPIGEASILATFSITEGKKKVPVAGCRVQKGQIEKQ
KKFKLIRNGHVIWKGSLISLKHHKDDTSVVKTGMDCGLSLDEEKIEFKVGDAIICYE
;
P
#
# COMPACT_ATOMS: atom_id res chain seq x y z
N ILE B 1 16.10 12.25 29.45
CA ILE B 1 14.81 12.03 30.15
C ILE B 1 13.92 11.27 29.20
N PRO B 2 13.61 9.96 29.39
CA PRO B 2 12.50 9.22 28.80
C PRO B 2 11.30 10.02 28.35
N ARG B 3 10.90 9.90 27.06
CA ARG B 3 9.84 10.73 26.55
C ARG B 3 8.56 10.03 26.81
N SER B 4 7.54 10.82 27.22
CA SER B 4 6.16 10.42 27.17
C SER B 4 5.77 10.21 25.73
N PRO B 5 4.91 9.28 25.35
CA PRO B 5 4.25 9.24 24.05
C PRO B 5 3.69 10.59 23.68
N VAL B 6 4.30 11.25 22.67
CA VAL B 6 3.90 12.56 22.27
C VAL B 6 2.75 12.44 21.32
N VAL B 7 1.95 13.52 21.25
CA VAL B 7 1.00 13.76 20.20
C VAL B 7 1.60 14.90 19.47
N THR B 8 1.04 15.19 18.29
CA THR B 8 1.18 16.48 17.71
C THR B 8 -0.19 16.70 17.22
N ILE B 9 -0.53 17.97 16.97
CA ILE B 9 -1.83 18.33 16.55
C ILE B 9 -1.68 18.59 15.09
N MET B 10 -1.98 17.50 14.36
CA MET B 10 -1.99 17.37 12.92
C MET B 10 -3.31 17.84 12.47
N GLY B 11 -3.45 18.21 11.18
CA GLY B 11 -4.73 18.60 10.67
C GLY B 11 -4.49 19.87 9.98
N HIS B 12 -5.57 20.47 9.44
CA HIS B 12 -5.50 21.76 8.80
C HIS B 12 -5.13 22.87 9.76
N VAL B 13 -4.38 23.90 9.28
CA VAL B 13 -4.00 25.06 10.03
C VAL B 13 -5.21 25.82 10.51
N ASP B 14 -5.25 26.19 11.82
CA ASP B 14 -6.35 26.86 12.48
C ASP B 14 -7.64 26.08 12.30
N HIS B 15 -7.52 24.74 12.36
CA HIS B 15 -8.61 23.83 12.49
C HIS B 15 -8.66 23.48 13.96
N GLY B 16 -7.75 24.11 14.72
CA GLY B 16 -7.80 24.21 16.15
C GLY B 16 -6.45 23.84 16.67
N LYS B 17 -5.52 23.43 15.78
CA LYS B 17 -4.15 23.13 16.11
C LYS B 17 -3.36 24.38 16.41
N THR B 18 -3.31 25.34 15.46
CA THR B 18 -2.64 26.61 15.61
C THR B 18 -3.16 27.39 16.79
N THR B 19 -4.51 27.43 16.93
CA THR B 19 -5.19 28.13 17.98
C THR B 19 -4.99 27.46 19.31
N LEU B 20 -4.70 26.13 19.31
CA LEU B 20 -4.40 25.38 20.51
C LEU B 20 -3.14 25.87 21.07
N LEU B 21 -2.01 25.80 20.34
CA LEU B 21 -0.70 26.13 20.81
C LEU B 21 -0.60 27.53 21.35
N ASP B 22 -1.20 28.51 20.65
CA ASP B 22 -1.09 29.90 21.01
C ASP B 22 -1.71 30.19 22.35
N LYS B 23 -2.81 29.49 22.71
CA LYS B 23 -3.44 29.67 24.00
C LYS B 23 -2.94 28.69 25.02
N LEU B 24 -2.50 27.48 24.58
CA LEU B 24 -1.96 26.37 25.36
C LEU B 24 -0.88 26.78 26.29
N ARG B 25 0.09 27.57 25.75
CA ARG B 25 1.16 28.19 26.49
C ARG B 25 0.73 28.85 27.78
N LYS B 26 -0.33 29.69 27.70
CA LYS B 26 -0.80 30.48 28.80
C LYS B 26 -1.78 29.76 29.71
N THR B 27 -2.69 28.96 29.10
CA THR B 27 -3.78 28.30 29.79
C THR B 27 -3.37 27.09 30.61
N GLN B 28 -2.53 26.19 30.04
CA GLN B 28 -2.26 24.86 30.56
C GLN B 28 -1.73 24.85 31.97
N VAL B 29 -0.78 25.76 32.24
CA VAL B 29 -0.08 25.89 33.50
C VAL B 29 -0.98 26.25 34.67
N ALA B 30 -2.16 26.84 34.39
CA ALA B 30 -3.17 27.18 35.37
C ALA B 30 -4.17 26.07 35.46
N ALA B 31 -4.57 25.51 34.31
CA ALA B 31 -5.70 24.62 34.15
C ALA B 31 -5.48 23.24 34.71
N MET B 32 -4.22 22.85 35.04
CA MET B 32 -3.94 21.53 35.55
C MET B 32 -4.20 21.45 37.02
N GLU B 33 -3.76 22.47 37.79
CA GLU B 33 -3.68 22.43 39.24
C GLU B 33 -2.71 21.35 39.67
N ALA B 34 -1.69 21.10 38.81
CA ALA B 34 -0.75 20.03 38.97
C ALA B 34 0.40 20.38 38.07
N GLY B 35 1.55 19.71 38.27
CA GLY B 35 2.71 19.85 37.43
C GLY B 35 2.86 18.61 36.62
N GLY B 36 4.09 18.43 36.07
CA GLY B 36 4.45 17.32 35.23
C GLY B 36 4.70 17.81 33.84
N ILE B 37 4.85 19.15 33.65
CA ILE B 37 5.19 19.72 32.37
C ILE B 37 6.60 19.37 31.98
N THR B 38 6.85 19.26 30.66
CA THR B 38 8.13 18.95 30.10
C THR B 38 8.19 19.83 28.90
N GLN B 39 7.97 21.14 29.12
CA GLN B 39 7.89 22.19 28.13
C GLN B 39 9.16 22.28 27.33
N HIS B 40 9.02 22.47 26.00
CA HIS B 40 10.16 22.67 25.12
C HIS B 40 9.74 23.65 24.06
N ILE B 41 10.73 24.32 23.41
CA ILE B 41 10.51 25.21 22.28
C ILE B 41 10.31 24.32 21.09
N GLY B 42 9.08 24.32 20.57
CA GLY B 42 8.62 23.44 19.55
C GLY B 42 7.14 23.60 19.57
N ALA B 43 6.61 23.90 20.78
CA ALA B 43 5.22 24.01 21.05
C ALA B 43 5.12 24.21 22.53
N PHE B 44 4.13 23.59 23.20
CA PHE B 44 4.01 23.54 24.62
C PHE B 44 3.81 22.08 24.85
N LEU B 45 4.63 21.51 25.75
CA LEU B 45 4.75 20.10 25.95
C LEU B 45 4.52 19.85 27.41
N VAL B 46 3.62 18.89 27.72
CA VAL B 46 3.44 18.43 29.07
C VAL B 46 3.24 16.95 28.99
N SER B 47 3.84 16.23 29.96
CA SER B 47 3.90 14.79 30.02
C SER B 47 2.55 14.15 30.14
N LEU B 48 2.44 12.95 29.53
CA LEU B 48 1.27 12.11 29.47
C LEU B 48 0.80 11.63 30.83
N PRO B 49 1.63 11.21 31.80
CA PRO B 49 1.08 10.74 33.06
C PRO B 49 1.15 11.89 34.03
N SER B 50 0.29 12.90 33.78
CA SER B 50 -0.07 13.93 34.71
C SER B 50 -1.55 13.71 34.83
N GLY B 51 -2.08 13.76 36.06
CA GLY B 51 -3.45 13.37 36.34
C GLY B 51 -4.44 14.41 35.92
N GLU B 52 -3.95 15.60 35.51
CA GLU B 52 -4.74 16.59 34.83
C GLU B 52 -3.93 17.05 33.65
N LYS B 53 -4.65 17.73 32.73
CA LYS B 53 -4.31 18.39 31.50
C LYS B 53 -2.99 18.12 30.85
N ILE B 54 -3.01 17.31 29.75
CA ILE B 54 -1.84 16.95 28.99
C ILE B 54 -2.12 17.28 27.55
N THR B 55 -1.07 17.72 26.82
CA THR B 55 -1.06 18.01 25.41
C THR B 55 0.38 17.82 25.08
N PHE B 56 0.73 17.71 23.78
CA PHE B 56 2.11 17.77 23.40
C PHE B 56 2.19 18.65 22.19
N LEU B 57 2.95 18.20 21.16
CA LEU B 57 3.54 19.04 20.15
C LEU B 57 2.53 19.82 19.36
N ASP B 58 3.04 20.83 18.64
CA ASP B 58 2.38 21.59 17.64
C ASP B 58 3.30 21.49 16.48
N THR B 59 2.71 21.39 15.30
CA THR B 59 3.40 21.56 14.06
C THR B 59 2.68 22.79 13.57
N PRO B 60 3.26 23.99 13.49
CA PRO B 60 2.50 25.20 13.21
C PRO B 60 1.92 25.25 11.82
N GLY B 61 2.30 24.31 10.93
CA GLY B 61 1.84 24.20 9.58
C GLY B 61 0.53 23.47 9.57
N HIS B 62 0.52 22.24 9.02
CA HIS B 62 -0.68 21.45 8.94
C HIS B 62 -0.30 20.05 9.35
N ALA B 63 0.07 19.25 8.33
CA ALA B 63 0.48 17.88 8.36
C ALA B 63 1.69 17.68 9.21
N ALA B 64 1.76 16.49 9.85
CA ALA B 64 2.86 16.20 10.71
C ALA B 64 2.92 14.73 10.93
N PHE B 65 2.12 13.94 10.18
CA PHE B 65 2.01 12.51 10.37
C PHE B 65 3.29 11.82 9.96
N SER B 66 3.83 12.18 8.78
CA SER B 66 5.03 11.59 8.27
C SER B 66 6.23 12.34 8.80
N ALA B 67 6.01 13.61 9.21
CA ALA B 67 7.02 14.48 9.79
C ALA B 67 7.48 13.95 11.10
N MET B 68 6.54 13.38 11.86
CA MET B 68 6.74 12.89 13.18
C MET B 68 7.01 11.42 13.12
N ARG B 69 8.18 11.03 12.58
CA ARG B 69 8.54 9.64 12.53
C ARG B 69 9.48 9.34 13.65
N ALA B 70 9.69 8.04 13.93
CA ALA B 70 10.62 7.61 14.93
C ALA B 70 11.03 6.25 14.51
N ARG B 71 11.55 5.45 15.46
CA ARG B 71 12.19 4.20 15.19
C ARG B 71 11.30 2.99 15.35
N GLY B 72 9.97 3.18 15.53
CA GLY B 72 9.04 2.08 15.60
C GLY B 72 8.06 2.20 14.48
N THR B 73 7.96 3.43 13.96
CA THR B 73 6.96 4.04 13.12
C THR B 73 6.93 5.40 13.77
N GLN B 74 5.81 6.14 13.89
CA GLN B 74 5.85 7.51 14.39
C GLN B 74 6.41 7.76 15.77
N VAL B 75 6.88 9.03 16.01
CA VAL B 75 7.30 9.54 17.29
C VAL B 75 6.06 9.98 18.01
N THR B 76 5.06 10.47 17.24
CA THR B 76 3.77 10.80 17.76
C THR B 76 3.03 9.51 17.67
N ASP B 77 3.19 8.73 18.77
CA ASP B 77 2.73 7.39 18.93
C ASP B 77 1.25 7.36 18.96
N ILE B 78 0.71 8.36 19.66
CA ILE B 78 -0.64 8.80 19.61
C ILE B 78 -0.50 10.02 18.77
N VAL B 79 -1.43 10.23 17.81
CA VAL B 79 -1.36 11.39 16.94
C VAL B 79 -2.64 12.06 17.25
N ILE B 80 -2.73 13.39 17.12
CA ILE B 80 -4.01 14.05 17.21
C ILE B 80 -4.40 14.40 15.81
N LEU B 81 -5.61 13.94 15.42
CA LEU B 81 -6.29 14.40 14.24
C LEU B 81 -7.08 15.58 14.69
N VAL B 82 -6.72 16.79 14.21
CA VAL B 82 -7.36 18.02 14.57
C VAL B 82 -8.42 18.32 13.59
N VAL B 83 -9.67 18.30 14.10
CA VAL B 83 -10.82 18.79 13.41
C VAL B 83 -11.15 19.98 14.27
N ALA B 84 -11.93 20.94 13.77
CA ALA B 84 -12.43 22.03 14.57
C ALA B 84 -13.76 21.61 15.08
N ALA B 85 -14.08 22.03 16.32
CA ALA B 85 -15.33 21.74 16.96
C ALA B 85 -16.43 22.49 16.26
N ASP B 86 -16.06 23.65 15.67
CA ASP B 86 -16.93 24.52 14.91
C ASP B 86 -17.17 23.96 13.53
N ASP B 87 -16.11 23.51 12.84
CA ASP B 87 -16.19 23.07 11.46
C ASP B 87 -15.54 21.72 11.35
N GLY B 88 -16.30 20.74 10.81
CA GLY B 88 -15.84 19.43 10.41
C GLY B 88 -14.74 19.43 9.39
N VAL B 89 -14.43 18.21 8.91
CA VAL B 89 -13.37 17.76 8.02
C VAL B 89 -12.61 18.79 7.24
N MET B 90 -11.27 18.75 7.34
CA MET B 90 -10.40 19.49 6.47
C MET B 90 -9.34 18.50 6.13
N LYS B 91 -8.63 18.77 5.01
CA LYS B 91 -7.85 17.81 4.27
C LYS B 91 -6.80 17.03 5.01
N GLN B 92 -5.91 17.75 5.73
CA GLN B 92 -4.77 17.13 6.38
C GLN B 92 -5.13 16.35 7.59
N THR B 93 -6.34 16.58 8.14
CA THR B 93 -6.89 15.81 9.24
C THR B 93 -7.09 14.39 8.82
N VAL B 94 -7.60 14.14 7.58
CA VAL B 94 -7.84 12.78 7.11
C VAL B 94 -6.58 12.06 6.62
N GLU B 95 -5.53 12.78 6.15
CA GLU B 95 -4.25 12.19 5.82
C GLU B 95 -3.55 11.61 7.01
N SER B 96 -3.67 12.32 8.16
CA SER B 96 -3.14 11.96 9.44
C SER B 96 -3.63 10.64 9.93
N ILE B 97 -4.92 10.31 9.67
CA ILE B 97 -5.48 9.03 10.05
C ILE B 97 -4.85 7.92 9.28
N GLN B 98 -4.89 8.01 7.92
CA GLN B 98 -4.44 6.97 7.01
C GLN B 98 -3.04 6.55 7.25
N HIS B 99 -2.12 7.54 7.26
CA HIS B 99 -0.71 7.37 7.46
C HIS B 99 -0.40 6.73 8.77
N ALA B 100 -1.19 7.07 9.81
CA ALA B 100 -0.95 6.59 11.14
C ALA B 100 -1.45 5.20 11.34
N LYS B 101 -2.70 4.87 11.00
CA LYS B 101 -3.28 3.59 11.34
C LYS B 101 -2.71 2.49 10.51
N ASP B 102 -2.53 2.74 9.21
CA ASP B 102 -1.89 1.83 8.29
C ASP B 102 -0.45 1.58 8.64
N ALA B 103 0.24 2.55 9.31
CA ALA B 103 1.61 2.40 9.72
C ALA B 103 1.68 1.88 11.13
N HIS B 104 0.50 1.60 11.75
CA HIS B 104 0.32 1.04 13.06
C HIS B 104 0.83 1.93 14.13
N VAL B 105 0.35 3.18 14.06
CA VAL B 105 0.62 4.26 14.95
C VAL B 105 -0.71 4.55 15.52
N PRO B 106 -0.94 4.37 16.80
CA PRO B 106 -2.18 4.71 17.46
C PRO B 106 -2.62 6.12 17.27
N ILE B 107 -3.93 6.39 17.33
CA ILE B 107 -4.42 7.66 16.91
C ILE B 107 -5.40 8.06 17.94
N VAL B 108 -5.33 9.35 18.30
CA VAL B 108 -6.33 10.12 18.96
C VAL B 108 -6.92 10.94 17.87
N LEU B 109 -8.26 11.00 17.75
CA LEU B 109 -8.82 12.12 17.08
C LEU B 109 -9.20 13.04 18.17
N ALA B 110 -8.48 14.17 18.29
CA ALA B 110 -8.81 15.20 19.22
C ALA B 110 -9.18 16.34 18.38
N ILE B 111 -10.51 16.47 18.20
CA ILE B 111 -11.12 17.57 17.56
C ILE B 111 -10.96 18.71 18.54
N ASN B 112 -10.22 19.74 18.09
CA ASN B 112 -9.65 20.72 18.96
C ASN B 112 -10.66 21.81 18.94
N LYS B 113 -10.44 22.80 19.84
CA LYS B 113 -11.44 23.76 20.23
C LYS B 113 -12.53 23.01 20.94
N CYS B 114 -12.12 22.03 21.78
CA CYS B 114 -12.97 21.01 22.36
C CYS B 114 -14.04 21.60 23.24
N ASP B 115 -13.68 22.68 23.97
CA ASP B 115 -14.54 23.52 24.76
C ASP B 115 -15.79 24.01 24.05
N LYS B 116 -15.67 24.24 22.72
CA LYS B 116 -16.66 24.91 21.92
C LYS B 116 -17.75 24.00 21.43
N ALA B 117 -17.55 22.67 21.39
CA ALA B 117 -18.65 21.79 21.06
C ALA B 117 -18.66 20.61 22.00
N GLU B 118 -19.90 20.23 22.37
CA GLU B 118 -20.25 19.24 23.35
C GLU B 118 -19.90 19.65 24.76
N ALA B 119 -19.90 20.99 25.00
CA ALA B 119 -19.81 21.64 26.29
C ALA B 119 -18.68 21.24 27.19
N ASP B 120 -17.41 21.53 26.79
CA ASP B 120 -16.21 21.14 27.50
C ASP B 120 -16.12 19.64 27.81
N PRO B 121 -16.14 18.74 26.82
CA PRO B 121 -16.42 17.34 27.05
C PRO B 121 -15.14 16.62 27.30
N GLU B 122 -15.22 15.36 27.76
CA GLU B 122 -14.06 14.55 28.00
C GLU B 122 -13.72 13.79 26.73
N LYS B 123 -13.05 12.64 26.90
CA LYS B 123 -12.60 11.72 25.89
C LYS B 123 -13.72 11.11 25.11
N VAL B 124 -14.78 10.65 25.79
CA VAL B 124 -15.81 9.84 25.23
C VAL B 124 -17.10 10.61 25.17
N LYS B 125 -17.03 11.96 25.25
CA LYS B 125 -18.21 12.77 25.37
C LYS B 125 -18.30 13.77 24.25
N LYS B 126 -17.25 13.91 23.39
CA LYS B 126 -17.30 14.81 22.26
C LYS B 126 -17.75 14.10 21.00
N GLU B 127 -17.84 12.74 21.07
CA GLU B 127 -17.92 11.80 19.98
C GLU B 127 -18.68 12.21 18.74
N LEU B 128 -19.91 12.74 18.84
CA LEU B 128 -20.69 13.25 17.73
C LEU B 128 -19.91 14.08 16.72
N LEU B 129 -19.36 15.23 17.18
CA LEU B 129 -18.58 16.14 16.38
C LEU B 129 -17.20 15.61 16.05
N ALA B 130 -16.69 14.66 16.86
CA ALA B 130 -15.38 14.11 16.70
C ALA B 130 -15.32 13.13 15.58
N TYR B 131 -16.40 12.34 15.43
CA TYR B 131 -16.61 11.31 14.45
C TYR B 131 -16.85 11.90 13.08
N ASP B 132 -17.08 13.24 12.99
CA ASP B 132 -17.14 13.99 11.74
C ASP B 132 -15.93 13.74 10.86
N VAL B 133 -14.74 13.60 11.49
CA VAL B 133 -13.58 13.05 10.84
C VAL B 133 -13.48 11.72 11.50
N VAL B 134 -13.21 10.64 10.72
CA VAL B 134 -13.49 9.28 11.14
C VAL B 134 -12.74 8.87 12.38
N CYS B 135 -13.46 8.15 13.26
CA CYS B 135 -12.96 7.62 14.47
C CYS B 135 -13.52 6.24 14.53
N GLU B 136 -12.84 5.40 15.32
CA GLU B 136 -12.94 3.98 15.32
C GLU B 136 -12.84 3.69 16.79
N ASP B 137 -11.82 2.90 17.21
CA ASP B 137 -11.55 2.64 18.60
C ASP B 137 -10.06 2.54 18.74
N TYR B 138 -9.63 2.26 20.00
CA TYR B 138 -8.29 1.99 20.48
C TYR B 138 -7.51 1.03 19.61
N GLY B 139 -6.17 0.99 19.82
CA GLY B 139 -5.28 0.19 19.01
C GLY B 139 -4.47 1.12 18.19
N GLY B 140 -4.06 0.65 16.99
CA GLY B 140 -3.30 1.42 16.04
C GLY B 140 -4.20 2.38 15.32
N ASP B 141 -5.53 2.26 15.55
CA ASP B 141 -6.55 3.01 14.90
C ASP B 141 -6.87 4.16 15.79
N VAL B 142 -8.00 4.83 15.51
CA VAL B 142 -8.31 6.11 16.06
C VAL B 142 -9.40 5.94 17.05
N GLN B 143 -9.16 6.36 18.30
CA GLN B 143 -10.21 6.51 19.26
C GLN B 143 -10.34 7.99 19.30
N ALA B 144 -11.57 8.51 19.51
CA ALA B 144 -11.81 9.90 19.70
C ALA B 144 -11.51 10.19 21.15
N VAL B 145 -10.43 10.95 21.39
CA VAL B 145 -9.96 11.32 22.70
C VAL B 145 -9.71 12.79 22.52
N HIS B 146 -9.98 13.67 23.51
CA HIS B 146 -9.97 15.10 23.21
C HIS B 146 -9.06 15.95 24.02
N VAL B 147 -8.54 16.98 23.31
CA VAL B 147 -7.71 18.06 23.78
C VAL B 147 -8.39 19.27 23.21
N SER B 148 -8.44 20.39 23.97
CA SER B 148 -9.09 21.62 23.56
C SER B 148 -8.19 22.50 22.74
N ALA B 149 -8.40 23.85 22.82
CA ALA B 149 -7.60 24.79 22.09
C ALA B 149 -7.83 26.20 22.54
N LEU B 150 -8.86 26.46 23.38
CA LEU B 150 -9.16 27.81 23.79
C LEU B 150 -9.34 27.76 25.29
N THR B 151 -9.04 26.62 25.91
CA THR B 151 -8.96 26.50 27.34
C THR B 151 -8.02 25.35 27.52
N GLY B 152 -7.56 25.14 28.77
CA GLY B 152 -6.61 24.12 29.10
C GLY B 152 -7.33 22.88 29.53
N GLU B 153 -8.69 22.91 29.56
CA GLU B 153 -9.51 21.83 30.02
C GLU B 153 -9.82 20.90 28.89
N ASN B 154 -10.25 19.66 29.25
CA ASN B 154 -10.60 18.55 28.37
C ASN B 154 -9.41 17.70 28.10
N MET B 155 -8.24 18.34 28.20
CA MET B 155 -6.91 17.82 28.15
C MET B 155 -6.60 16.79 29.21
N MET B 156 -7.32 16.81 30.36
CA MET B 156 -7.22 15.82 31.42
C MET B 156 -7.72 14.51 30.90
N ALA B 157 -8.79 14.59 30.09
CA ALA B 157 -9.44 13.50 29.45
C ALA B 157 -8.68 13.10 28.22
N LEU B 158 -7.74 13.96 27.72
CA LEU B 158 -6.79 13.53 26.72
C LEU B 158 -5.98 12.42 27.31
N ALA B 159 -5.33 12.66 28.48
CA ALA B 159 -4.51 11.70 29.20
C ALA B 159 -5.13 10.33 29.36
N GLU B 160 -6.31 10.26 30.02
CA GLU B 160 -7.14 9.10 30.23
C GLU B 160 -7.22 8.08 29.10
N ALA B 161 -7.89 8.43 27.97
CA ALA B 161 -8.00 7.57 26.81
C ALA B 161 -6.73 7.47 26.00
N THR B 162 -5.99 8.59 25.81
CA THR B 162 -4.84 8.71 24.92
C THR B 162 -3.77 7.74 25.33
N ILE B 163 -3.52 7.53 26.64
CA ILE B 163 -2.50 6.63 27.11
C ILE B 163 -2.79 5.19 26.72
N ALA B 164 -4.08 4.78 26.74
CA ALA B 164 -4.48 3.43 26.37
C ALA B 164 -4.35 3.17 24.89
N LEU B 165 -4.35 4.23 24.04
CA LEU B 165 -3.99 4.13 22.65
C LEU B 165 -2.50 4.04 22.51
N ALA B 166 -1.76 4.82 23.32
CA ALA B 166 -0.35 5.04 23.23
C ALA B 166 0.44 3.83 23.56
N GLU B 167 -0.16 2.92 24.34
CA GLU B 167 0.34 1.66 24.80
C GLU B 167 1.16 0.86 23.81
N MET B 168 0.71 0.80 22.53
CA MET B 168 1.31 -0.01 21.50
C MET B 168 2.62 0.54 20.96
N LEU B 169 2.95 1.83 21.20
CA LEU B 169 4.05 2.44 20.50
C LEU B 169 4.65 3.53 21.37
N GLU B 170 5.99 3.70 21.31
CA GLU B 170 6.74 4.58 22.19
C GLU B 170 8.17 4.21 21.95
N LEU B 171 9.01 5.22 21.65
CA LEU B 171 10.36 5.03 21.20
C LEU B 171 11.33 5.74 22.11
N LYS B 172 10.85 6.07 23.33
CA LYS B 172 11.59 6.53 24.49
C LYS B 172 12.67 7.55 24.23
N ALA B 173 13.64 7.68 25.17
CA ALA B 173 14.62 8.73 25.12
C ALA B 173 15.84 8.37 25.93
N ASP B 174 16.94 9.14 25.72
CA ASP B 174 18.16 9.04 26.49
C ASP B 174 18.77 10.41 26.51
N PRO B 175 19.65 10.76 27.45
CA PRO B 175 20.50 11.92 27.35
C PRO B 175 21.92 11.48 27.09
N THR B 176 22.18 10.56 26.12
CA THR B 176 23.50 9.99 25.93
C THR B 176 23.80 9.98 24.46
N GLY B 177 25.10 9.79 24.10
CA GLY B 177 25.64 9.70 22.76
C GLY B 177 25.11 10.74 21.82
N ALA B 178 24.93 10.36 20.53
CA ALA B 178 24.38 11.22 19.53
C ALA B 178 22.91 11.35 19.73
N VAL B 179 22.23 12.21 18.95
CA VAL B 179 20.82 12.45 19.12
C VAL B 179 20.07 11.60 18.15
N GLU B 180 18.76 11.45 18.41
CA GLU B 180 17.77 11.04 17.47
C GLU B 180 16.72 12.11 17.56
N GLY B 181 16.04 12.37 16.45
CA GLY B 181 14.90 13.23 16.51
C GLY B 181 14.35 13.23 15.15
N THR B 182 13.12 13.76 15.05
CA THR B 182 12.43 13.96 13.83
C THR B 182 12.06 15.39 13.73
N VAL B 183 11.72 15.90 12.52
CA VAL B 183 11.29 17.28 12.37
C VAL B 183 9.85 17.39 12.76
N ILE B 184 9.48 18.43 13.54
CA ILE B 184 8.08 18.66 13.85
C ILE B 184 7.51 19.35 12.64
N GLU B 185 8.30 20.31 12.11
CA GLU B 185 8.05 20.97 10.88
C GLU B 185 9.43 21.27 10.38
N SER B 186 9.63 21.25 9.05
CA SER B 186 10.86 21.71 8.48
C SER B 186 10.47 22.40 7.22
N PHE B 187 11.00 23.63 7.07
CA PHE B 187 10.70 24.51 5.97
C PHE B 187 11.46 24.10 4.75
N THR B 188 10.81 24.30 3.58
CA THR B 188 11.30 23.85 2.30
C THR B 188 11.75 25.06 1.54
N ASP B 189 13.05 25.09 1.21
CA ASP B 189 13.56 26.09 0.32
C ASP B 189 14.68 25.42 -0.41
N LYS B 190 14.73 25.63 -1.74
CA LYS B 190 15.86 25.26 -2.54
C LYS B 190 16.76 26.47 -2.57
N GLY B 191 18.07 26.24 -2.40
CA GLY B 191 19.07 27.28 -2.44
C GLY B 191 19.17 28.01 -1.13
N ARG B 192 18.60 27.43 -0.04
CA ARG B 192 18.68 28.02 1.26
C ARG B 192 18.67 26.86 2.21
N GLY B 193 19.29 27.06 3.39
CA GLY B 193 19.21 26.16 4.50
C GLY B 193 18.38 26.75 5.60
N PRO B 194 17.07 26.56 5.62
CA PRO B 194 16.22 27.20 6.60
C PRO B 194 16.26 26.32 7.81
N VAL B 195 15.89 26.85 9.00
CA VAL B 195 15.97 26.14 10.25
C VAL B 195 14.95 25.03 10.26
N THR B 196 15.15 24.04 11.15
CA THR B 196 14.33 22.88 11.22
C THR B 196 13.92 22.83 12.65
N THR B 197 12.61 22.69 12.93
CA THR B 197 12.17 22.57 14.29
C THR B 197 11.93 21.10 14.40
N ALA B 198 12.33 20.51 15.53
CA ALA B 198 12.39 19.09 15.66
C ALA B 198 11.93 18.72 17.01
N ILE B 199 11.41 17.49 17.15
CA ILE B 199 11.26 16.84 18.42
C ILE B 199 12.46 15.95 18.38
N ILE B 200 13.29 16.07 19.42
CA ILE B 200 14.44 15.29 19.67
C ILE B 200 13.88 14.33 20.65
N GLN B 201 13.78 13.08 20.21
CA GLN B 201 13.08 12.08 20.93
C GLN B 201 14.02 11.33 21.82
N ARG B 202 15.33 11.27 21.48
CA ARG B 202 16.24 10.37 22.14
C ARG B 202 17.60 10.95 21.94
N GLY B 203 18.58 10.59 22.81
CA GLY B 203 19.96 10.98 22.67
C GLY B 203 20.30 12.40 23.02
N THR B 204 21.58 12.80 22.83
CA THR B 204 22.06 14.15 23.05
C THR B 204 22.51 14.74 21.76
N LEU B 205 22.07 15.98 21.47
CA LEU B 205 22.55 16.81 20.41
C LEU B 205 23.45 17.83 21.06
N ARG B 206 24.45 18.32 20.30
CA ARG B 206 25.24 19.46 20.66
C ARG B 206 24.77 20.54 19.74
N LYS B 207 25.12 20.44 18.44
CA LYS B 207 24.70 21.37 17.41
C LYS B 207 25.27 20.84 16.14
N GLY B 208 24.64 19.74 15.67
CA GLY B 208 24.92 19.11 14.41
C GLY B 208 23.67 18.35 14.13
N SER B 209 23.26 18.19 12.85
CA SER B 209 22.04 17.48 12.56
C SER B 209 22.20 16.86 11.22
N ILE B 210 21.25 15.96 10.87
CA ILE B 210 21.28 15.23 9.63
C ILE B 210 19.86 15.14 9.20
N LEU B 211 19.58 15.47 7.92
CA LEU B 211 18.22 15.56 7.45
C LEU B 211 18.16 15.01 6.06
N VAL B 212 16.91 14.76 5.60
CA VAL B 212 16.57 14.36 4.25
C VAL B 212 15.93 15.56 3.63
N ALA B 213 16.01 15.75 2.29
CA ALA B 213 15.32 16.84 1.65
C ALA B 213 14.71 16.38 0.37
N GLY B 214 13.90 17.29 -0.21
CA GLY B 214 13.33 17.19 -1.54
C GLY B 214 14.37 17.53 -2.57
N LYS B 215 15.57 17.97 -2.09
CA LYS B 215 16.78 18.06 -2.86
C LYS B 215 17.36 16.67 -2.72
N SER B 216 18.09 16.44 -1.61
CA SER B 216 18.95 15.29 -1.44
C SER B 216 19.16 15.11 0.03
N TRP B 217 19.78 13.97 0.42
CA TRP B 217 20.14 13.67 1.78
C TRP B 217 21.43 14.39 2.07
N ALA B 218 21.55 14.98 3.27
CA ALA B 218 22.72 15.74 3.61
C ALA B 218 22.84 15.74 5.09
N LYS B 219 24.04 16.12 5.60
CA LYS B 219 24.33 16.10 7.01
C LYS B 219 24.84 17.47 7.25
N VAL B 220 23.98 18.25 7.95
CA VAL B 220 24.13 19.65 8.12
C VAL B 220 25.06 19.90 9.26
N ARG B 221 25.69 21.08 9.22
CA ARG B 221 26.42 21.64 10.31
C ARG B 221 25.45 22.64 10.83
N LEU B 222 25.12 22.55 12.15
CA LEU B 222 24.27 23.55 12.72
C LEU B 222 25.18 24.66 13.15
N MET B 223 24.65 25.89 13.03
CA MET B 223 25.25 27.12 13.42
C MET B 223 25.08 27.21 14.90
N PHE B 224 23.86 26.89 15.37
CA PHE B 224 23.60 26.79 16.77
C PHE B 224 22.43 25.88 16.94
N ASP B 225 22.23 25.48 18.20
CA ASP B 225 21.07 24.80 18.63
C ASP B 225 20.38 25.78 19.52
N GLU B 226 19.05 25.68 19.59
CA GLU B 226 18.31 26.44 20.54
C GLU B 226 17.17 25.55 20.84
N ASN B 227 16.82 25.42 22.13
CA ASN B 227 15.86 24.43 22.51
C ASN B 227 15.33 24.82 23.84
N GLY B 228 14.07 24.40 24.13
CA GLY B 228 13.49 24.47 25.44
C GLY B 228 13.92 23.21 26.11
N ARG B 229 13.99 23.25 27.47
CA ARG B 229 14.58 22.17 28.20
C ARG B 229 13.59 21.55 29.14
N ALA B 230 13.65 20.20 29.18
CA ALA B 230 12.85 19.28 29.94
C ALA B 230 12.83 19.38 31.45
N VAL B 231 13.93 19.62 32.22
CA VAL B 231 15.32 19.79 31.86
C VAL B 231 16.18 18.73 32.50
N ASN B 232 17.13 18.23 31.68
CA ASN B 232 18.33 17.58 32.11
C ASN B 232 19.26 18.00 31.01
N GLU B 233 20.53 18.28 31.33
CA GLU B 233 21.45 18.76 30.34
C GLU B 233 22.63 17.88 30.40
N ALA B 234 22.99 17.34 29.22
CA ALA B 234 24.21 16.64 28.99
C ALA B 234 25.39 17.58 29.08
N TYR B 235 25.20 18.82 28.55
CA TYR B 235 26.16 19.89 28.67
C TYR B 235 25.41 21.10 29.19
N PRO B 236 25.70 21.67 30.36
CA PRO B 236 25.01 22.84 30.86
C PRO B 236 25.45 24.11 30.18
N SER B 237 26.52 24.07 29.35
CA SER B 237 27.08 25.18 28.62
C SER B 237 26.10 25.87 27.70
N MET B 238 26.46 27.12 27.32
CA MET B 238 25.76 28.00 26.41
C MET B 238 25.56 27.29 25.09
N PRO B 239 24.40 27.44 24.42
CA PRO B 239 23.57 26.34 23.99
C PRO B 239 24.26 25.12 23.44
N VAL B 240 24.15 24.03 24.20
CA VAL B 240 24.42 22.65 23.85
C VAL B 240 23.73 21.95 25.00
N GLY B 241 23.57 20.62 24.92
CA GLY B 241 23.17 19.86 26.09
C GLY B 241 21.85 19.24 25.93
N ILE B 242 21.41 19.04 24.67
CA ILE B 242 20.11 18.54 24.29
C ILE B 242 20.00 17.16 24.86
N ILE B 243 18.78 16.75 25.26
CA ILE B 243 18.54 15.41 25.69
C ILE B 243 17.40 14.95 24.86
N GLY B 244 17.12 13.65 24.95
CA GLY B 244 15.96 13.03 24.40
C GLY B 244 14.80 13.45 25.23
N TRP B 245 13.64 13.61 24.57
CA TRP B 245 12.51 14.33 25.08
C TRP B 245 12.84 15.77 25.20
N ARG B 246 12.94 16.43 24.03
CA ARG B 246 13.22 17.83 23.97
C ARG B 246 12.73 18.21 22.64
N ASP B 247 12.27 19.46 22.45
CA ASP B 247 12.09 19.99 21.12
C ASP B 247 13.22 20.94 20.91
N LEU B 248 13.71 20.97 19.67
CA LEU B 248 14.90 21.63 19.29
C LEU B 248 14.66 22.26 17.95
N PRO B 249 14.70 23.58 17.90
CA PRO B 249 15.14 24.33 16.76
C PRO B 249 16.58 24.02 16.44
N SER B 250 16.85 23.49 15.23
CA SER B 250 18.15 23.12 14.80
C SER B 250 18.38 24.17 13.76
N ALA B 251 19.29 25.12 14.05
CA ALA B 251 19.54 26.22 13.17
C ALA B 251 20.78 25.88 12.44
N GLY B 252 20.67 25.68 11.12
CA GLY B 252 21.78 25.22 10.34
C GLY B 252 21.58 25.77 8.98
N ASP B 253 22.70 26.02 8.29
CA ASP B 253 22.70 26.77 7.06
C ASP B 253 23.10 25.85 5.94
N GLU B 254 23.33 24.56 6.28
CA GLU B 254 23.68 23.54 5.33
C GLU B 254 22.48 22.66 5.12
N ILE B 255 21.32 23.08 5.71
CA ILE B 255 20.01 22.47 5.57
C ILE B 255 19.61 22.68 4.14
N LEU B 256 18.78 21.80 3.56
CA LEU B 256 18.37 21.91 2.18
C LEU B 256 16.90 22.16 2.16
N GLU B 257 16.16 21.52 1.22
CA GLU B 257 14.74 21.71 1.04
C GLU B 257 14.08 20.63 1.85
N VAL B 258 14.38 20.61 3.17
CA VAL B 258 13.91 19.63 4.11
C VAL B 258 12.42 19.77 4.27
N GLU B 259 11.68 18.70 3.93
CA GLU B 259 10.23 18.65 3.95
C GLU B 259 9.76 18.38 5.35
N SER B 260 8.44 18.47 5.60
CA SER B 260 7.84 17.97 6.82
C SER B 260 7.48 16.52 6.56
N GLU B 261 8.50 15.66 6.75
CA GLU B 261 8.48 14.24 6.49
C GLU B 261 9.84 13.77 6.96
N PRO B 262 10.98 14.37 6.62
CA PRO B 262 12.29 14.16 7.21
C PRO B 262 12.42 14.10 8.69
N ARG B 263 13.63 13.72 9.14
CA ARG B 263 13.98 13.72 10.53
C ARG B 263 15.16 14.65 10.71
N ALA B 264 15.34 15.21 11.93
CA ALA B 264 16.51 16.01 12.27
C ALA B 264 17.14 15.34 13.45
N ARG B 265 18.33 14.75 13.24
CA ARG B 265 19.05 14.04 14.26
C ARG B 265 20.38 14.68 14.49
N GLU B 266 21.44 13.82 14.54
CA GLU B 266 22.84 14.08 14.69
C GLU B 266 23.39 12.71 14.85
N VAL B 267 24.58 12.42 14.26
CA VAL B 267 25.29 11.20 14.53
C VAL B 267 26.70 11.61 14.83
N VAL B 268 27.17 11.17 16.01
CA VAL B 268 28.49 11.34 16.56
C VAL B 268 28.66 10.14 17.48
N ASP B 269 27.72 9.17 17.39
CA ASP B 269 27.79 7.89 18.00
C ASP B 269 27.01 7.04 17.02
N TRP B 270 27.44 5.77 16.88
CA TRP B 270 26.92 4.85 15.91
C TRP B 270 26.88 3.50 16.55
N ARG B 271 27.02 3.46 17.89
CA ARG B 271 27.03 2.25 18.67
C ARG B 271 25.70 2.16 19.35
N LYS B 272 24.73 2.99 18.92
CA LYS B 272 23.44 3.06 19.53
C LYS B 272 22.57 3.88 18.63
N TYR B 273 23.03 5.08 18.21
CA TYR B 273 22.22 5.99 17.45
C TYR B 273 22.23 5.74 15.98
N GLU B 274 23.12 4.86 15.46
CA GLU B 274 23.04 4.42 14.08
C GLU B 274 21.83 3.55 13.86
N GLN B 275 21.51 2.73 14.89
CA GLN B 275 20.39 1.82 14.91
C GLN B 275 19.10 2.54 15.19
N GLU B 276 19.15 3.84 15.54
CA GLU B 276 17.98 4.66 15.70
C GLU B 276 17.81 5.53 14.50
N GLN B 277 18.93 5.85 13.82
CA GLN B 277 19.00 6.65 12.62
C GLN B 277 18.31 6.04 11.46
N GLU B 278 18.70 4.78 11.14
CA GLU B 278 18.06 3.91 10.19
C GLU B 278 16.55 3.98 10.25
N LYS B 279 16.02 3.42 11.36
CA LYS B 279 14.64 3.27 11.72
C LYS B 279 13.76 4.49 11.68
N ASN B 280 14.32 5.72 11.87
CA ASN B 280 13.54 6.95 11.92
C ASN B 280 13.44 7.66 10.61
N LYS B 281 13.67 6.91 9.51
CA LYS B 281 13.28 7.34 8.19
C LYS B 281 12.03 6.61 7.74
N GLU B 282 11.33 5.84 8.62
CA GLU B 282 10.18 5.05 8.22
C GLU B 282 8.98 5.28 9.09
N ASP B 283 7.80 5.10 8.44
CA ASP B 283 6.44 5.13 8.95
C ASP B 283 5.52 5.31 7.76
N LEU B 284 6.08 5.17 6.53
CA LEU B 284 5.36 5.35 5.28
C LEU B 284 4.89 4.10 4.58
N LYS B 285 5.14 2.87 5.12
CA LYS B 285 5.30 1.71 4.25
C LYS B 285 4.68 0.49 4.87
N LEU B 286 4.50 -0.55 3.99
CA LEU B 286 3.78 -1.78 4.26
C LEU B 286 4.32 -2.79 3.26
N ILE B 287 3.51 -3.77 2.80
CA ILE B 287 4.00 -4.91 2.04
C ILE B 287 3.02 -5.29 0.97
N GLU B 288 3.53 -5.96 -0.10
CA GLU B 288 2.72 -6.65 -1.08
C GLU B 288 3.37 -7.97 -1.40
N GLU B 289 2.56 -8.96 -1.84
CA GLU B 289 3.04 -10.20 -2.42
C GLU B 289 2.14 -10.54 -3.57
N LYS B 290 2.70 -11.23 -4.60
CA LYS B 290 1.95 -11.84 -5.67
C LYS B 290 2.85 -12.88 -6.25
N ARG B 291 2.28 -13.77 -7.09
CA ARG B 291 2.99 -14.84 -7.73
C ARG B 291 2.52 -14.89 -9.16
N LYS B 292 3.22 -15.66 -10.01
CA LYS B 292 3.11 -15.55 -11.45
C LYS B 292 3.05 -16.96 -11.98
N GLU B 293 2.53 -17.14 -13.21
CA GLU B 293 2.31 -18.42 -13.85
C GLU B 293 3.56 -18.78 -14.63
N HIS B 294 3.91 -20.10 -14.73
CA HIS B 294 5.12 -20.54 -15.42
C HIS B 294 4.90 -21.81 -16.23
N GLN B 295 5.96 -22.23 -16.99
CA GLN B 295 6.02 -23.41 -17.85
C GLN B 295 7.09 -24.39 -17.40
N GLU B 296 6.86 -25.72 -17.62
CA GLU B 296 7.84 -26.78 -17.38
C GLU B 296 7.44 -27.99 -18.23
N ALA B 297 8.44 -28.86 -18.62
CA ALA B 297 8.25 -29.94 -19.57
C ALA B 297 9.21 -31.07 -19.24
N HIS B 298 8.64 -32.27 -18.97
CA HIS B 298 9.30 -33.49 -18.49
C HIS B 298 9.46 -34.51 -19.61
N ARG B 299 9.44 -34.05 -20.87
CA ARG B 299 9.27 -34.87 -22.05
C ARG B 299 10.55 -34.77 -22.82
N LYS B 300 11.12 -33.54 -22.88
CA LYS B 300 12.36 -33.12 -23.48
C LYS B 300 13.61 -33.86 -23.02
N ASP B 301 13.46 -34.87 -22.15
CA ASP B 301 14.53 -35.68 -21.64
C ASP B 301 14.17 -37.13 -21.82
N ARG B 302 12.97 -37.54 -21.34
CA ARG B 302 12.51 -38.90 -21.44
C ARG B 302 12.30 -39.37 -22.85
N GLU B 303 11.82 -38.50 -23.75
CA GLU B 303 11.66 -38.84 -25.15
C GLU B 303 12.99 -39.12 -25.81
N LYS B 304 14.02 -38.32 -25.45
CA LYS B 304 15.36 -38.41 -25.96
C LYS B 304 16.11 -39.65 -25.55
N TYR B 305 15.85 -40.22 -24.36
CA TYR B 305 16.50 -41.44 -23.91
C TYR B 305 16.29 -42.65 -24.80
N GLY B 306 15.13 -42.75 -25.48
CA GLY B 306 14.76 -43.84 -26.37
C GLY B 306 15.76 -44.28 -27.42
N THR B 307 15.37 -45.34 -28.17
CA THR B 307 16.05 -45.99 -29.28
C THR B 307 16.70 -45.10 -30.33
N VAL B 308 17.51 -45.74 -31.23
CA VAL B 308 18.60 -45.28 -32.07
C VAL B 308 19.77 -45.88 -31.37
N HIS B 309 20.69 -46.56 -32.08
CA HIS B 309 21.74 -47.35 -31.44
C HIS B 309 22.71 -46.62 -30.55
N TRP B 310 23.06 -45.35 -30.88
CA TRP B 310 23.85 -44.50 -30.00
C TRP B 310 23.09 -44.15 -28.77
N LYS B 311 21.80 -43.80 -28.97
CA LYS B 311 20.92 -43.36 -27.93
C LYS B 311 20.52 -44.49 -27.05
N GLU B 312 20.45 -45.74 -27.57
CA GLU B 312 20.20 -46.96 -26.84
C GLU B 312 21.33 -47.30 -25.91
N ARG B 313 22.59 -47.09 -26.37
CA ARG B 313 23.76 -47.32 -25.55
C ARG B 313 23.78 -46.32 -24.43
N SER B 314 23.37 -45.08 -24.76
CA SER B 314 23.17 -44.00 -23.83
C SER B 314 22.07 -44.31 -22.87
N TYR B 315 20.97 -44.97 -23.34
CA TYR B 315 19.76 -45.34 -22.65
C TYR B 315 20.04 -46.30 -21.55
N ILE B 316 20.95 -47.28 -21.77
CA ILE B 316 21.31 -48.22 -20.74
C ILE B 316 21.99 -47.48 -19.62
N LYS B 317 22.87 -46.51 -19.98
CA LYS B 317 23.51 -45.61 -19.04
C LYS B 317 22.54 -44.68 -18.36
N TYR B 318 21.54 -44.15 -19.10
CA TYR B 318 20.54 -43.19 -18.62
C TYR B 318 19.67 -43.77 -17.57
N ARG B 319 19.26 -45.03 -17.72
CA ARG B 319 18.44 -45.73 -16.77
C ARG B 319 19.18 -45.90 -15.45
N GLU B 320 20.48 -46.24 -15.52
CA GLU B 320 21.34 -46.37 -14.36
C GLU B 320 21.54 -45.06 -13.64
N LYS B 321 21.72 -43.96 -14.41
CA LYS B 321 21.88 -42.61 -13.90
C LYS B 321 20.62 -42.12 -13.23
N ARG B 322 19.44 -42.46 -13.79
CA ARG B 322 18.14 -42.11 -13.28
C ARG B 322 17.87 -42.73 -11.94
N GLN B 323 18.31 -44.00 -11.76
CA GLN B 323 18.19 -44.71 -10.49
C GLN B 323 18.94 -44.02 -9.38
N GLN B 324 20.16 -43.50 -9.68
CA GLN B 324 20.98 -42.76 -8.75
C GLN B 324 20.35 -41.46 -8.32
N GLN B 325 19.92 -40.64 -9.32
CA GLN B 325 19.21 -39.42 -9.07
C GLN B 325 18.36 -39.23 -10.31
N PRO B 326 17.06 -38.94 -10.26
CA PRO B 326 16.23 -38.70 -11.44
C PRO B 326 16.65 -37.52 -12.27
N LEU B 327 17.29 -36.50 -11.65
CA LEU B 327 17.65 -35.27 -12.30
C LEU B 327 18.92 -35.42 -13.10
N LYS B 328 19.70 -36.50 -12.82
CA LYS B 328 20.99 -36.74 -13.44
C LYS B 328 20.96 -36.96 -14.93
N PRO B 329 20.10 -37.75 -15.60
CA PRO B 329 20.25 -37.98 -17.03
C PRO B 329 19.40 -37.01 -17.80
N LYS B 330 18.66 -36.08 -17.14
CA LYS B 330 17.89 -35.05 -17.81
C LYS B 330 18.70 -34.20 -18.74
N GLU B 331 18.03 -33.82 -19.85
CA GLU B 331 18.63 -33.12 -20.96
C GLU B 331 17.56 -32.23 -21.56
N LYS B 332 16.59 -31.81 -20.71
CA LYS B 332 15.50 -30.93 -21.07
C LYS B 332 16.01 -29.52 -21.21
N LEU B 333 15.26 -28.65 -21.91
CA LEU B 333 15.73 -27.31 -22.22
C LEU B 333 14.57 -26.35 -22.31
N GLU B 334 13.43 -26.69 -21.67
CA GLU B 334 12.19 -25.92 -21.65
C GLU B 334 12.37 -24.50 -21.12
N ARG B 335 11.58 -23.53 -21.65
CA ARG B 335 11.79 -22.13 -21.33
C ARG B 335 10.56 -21.29 -21.65
N ASP B 336 10.59 -20.03 -21.13
CA ASP B 336 9.73 -18.91 -21.45
C ASP B 336 8.30 -18.98 -20.96
N SER B 337 7.87 -17.89 -20.26
CA SER B 337 6.51 -17.69 -19.85
C SER B 337 6.40 -16.23 -19.49
N ASN B 338 5.19 -15.65 -19.62
CA ASN B 338 4.91 -14.26 -19.37
C ASN B 338 3.46 -14.22 -19.02
N VAL B 339 3.04 -13.23 -18.20
CA VAL B 339 1.65 -13.05 -17.83
C VAL B 339 1.45 -11.58 -18.07
N LEU B 340 1.62 -10.73 -17.02
CA LEU B 340 1.60 -9.29 -17.11
C LEU B 340 1.92 -8.57 -15.80
N PRO B 341 2.75 -8.98 -14.79
CA PRO B 341 3.04 -8.18 -13.60
C PRO B 341 3.47 -6.76 -13.86
N VAL B 342 3.03 -5.85 -12.95
CA VAL B 342 3.17 -4.43 -13.09
C VAL B 342 4.01 -3.88 -12.00
N ILE B 343 4.33 -2.60 -12.10
CA ILE B 343 5.11 -1.87 -11.14
C ILE B 343 4.25 -0.74 -10.66
N VAL B 344 4.26 -0.55 -9.32
CA VAL B 344 3.47 0.38 -8.58
C VAL B 344 4.36 1.49 -8.09
N LYS B 345 3.85 2.73 -8.19
CA LYS B 345 4.53 3.92 -7.77
C LYS B 345 3.46 4.77 -7.16
N GLY B 346 3.82 5.48 -6.08
CA GLY B 346 2.88 6.23 -5.29
C GLY B 346 3.66 7.31 -4.62
N ASP B 347 2.97 8.31 -4.04
CA ASP B 347 3.62 9.47 -3.49
C ASP B 347 3.05 9.83 -2.14
N VAL B 348 1.78 9.47 -1.85
CA VAL B 348 1.17 9.76 -0.56
C VAL B 348 1.34 8.52 0.26
N ASP B 349 1.89 8.67 1.48
CA ASP B 349 2.24 7.58 2.36
C ASP B 349 1.06 6.76 2.84
N GLY B 350 -0.06 7.40 3.24
CA GLY B 350 -1.24 6.69 3.69
C GLY B 350 -1.90 5.94 2.57
N SER B 351 -1.83 6.53 1.35
CA SER B 351 -2.33 5.97 0.12
C SER B 351 -1.62 4.73 -0.31
N VAL B 352 -0.26 4.71 -0.25
CA VAL B 352 0.51 3.55 -0.66
C VAL B 352 0.27 2.45 0.31
N GLU B 353 0.21 2.76 1.62
CA GLU B 353 -0.05 1.78 2.65
C GLU B 353 -1.41 1.14 2.47
N ALA B 354 -2.44 1.95 2.11
CA ALA B 354 -3.78 1.48 1.84
C ALA B 354 -3.82 0.54 0.64
N ILE B 355 -3.07 0.87 -0.44
CA ILE B 355 -2.99 0.09 -1.67
C ILE B 355 -2.33 -1.23 -1.36
N LEU B 356 -1.25 -1.18 -0.55
CA LEU B 356 -0.48 -2.30 -0.09
C LEU B 356 -1.29 -3.27 0.71
N ASN B 357 -2.17 -2.78 1.62
CA ASN B 357 -2.99 -3.60 2.49
C ASN B 357 -3.92 -4.47 1.70
N VAL B 358 -4.51 -3.93 0.62
CA VAL B 358 -5.37 -4.65 -0.28
C VAL B 358 -4.57 -5.61 -1.14
N MET B 359 -3.40 -5.15 -1.63
CA MET B 359 -2.53 -5.86 -2.52
C MET B 359 -1.88 -7.09 -1.99
N ASP B 360 -1.43 -7.08 -0.71
CA ASP B 360 -0.76 -8.20 -0.08
C ASP B 360 -1.70 -9.39 0.01
N THR B 361 -3.02 -9.11 0.17
CA THR B 361 -4.08 -10.08 0.32
C THR B 361 -4.19 -10.91 -0.94
N TYR B 362 -3.98 -10.28 -2.12
CA TYR B 362 -4.07 -10.97 -3.38
C TYR B 362 -2.70 -11.51 -3.66
N ASP B 363 -2.61 -12.84 -3.61
CA ASP B 363 -1.40 -13.59 -3.83
C ASP B 363 -1.87 -14.98 -4.19
N ALA B 364 -3.21 -15.22 -4.14
CA ALA B 364 -3.81 -16.49 -4.46
C ALA B 364 -4.08 -16.54 -5.94
N SER B 365 -3.57 -17.60 -6.59
CA SER B 365 -3.78 -17.83 -8.00
C SER B 365 -4.98 -18.72 -8.12
N HIS B 366 -6.14 -18.10 -8.46
CA HIS B 366 -7.39 -18.77 -8.73
C HIS B 366 -7.22 -19.53 -10.03
N GLU B 367 -6.55 -18.86 -10.99
CA GLU B 367 -6.20 -19.40 -12.27
C GLU B 367 -5.13 -18.48 -12.79
N CYS B 368 -4.97 -17.32 -12.12
CA CYS B 368 -3.98 -16.33 -12.42
C CYS B 368 -3.85 -15.60 -11.13
N GLU B 369 -2.64 -15.07 -10.86
CA GLU B 369 -2.42 -14.16 -9.78
C GLU B 369 -1.65 -13.09 -10.43
N LEU B 370 -2.15 -11.84 -10.29
CA LEU B 370 -1.53 -10.75 -10.95
C LEU B 370 -1.74 -9.53 -10.10
N ASP B 371 -0.62 -8.90 -9.70
CA ASP B 371 -0.61 -7.62 -9.08
C ASP B 371 0.75 -7.07 -9.44
N LEU B 372 1.28 -6.19 -8.56
CA LEU B 372 2.55 -5.55 -8.64
C LEU B 372 3.65 -6.45 -8.18
N VAL B 373 4.87 -6.25 -8.69
CA VAL B 373 6.05 -7.03 -8.35
C VAL B 373 6.99 -6.13 -7.59
N HIS B 374 6.65 -4.84 -7.46
CA HIS B 374 7.56 -3.85 -6.99
C HIS B 374 6.67 -2.68 -6.73
N PHE B 375 6.92 -2.01 -5.59
CA PHE B 375 6.26 -0.78 -5.24
C PHE B 375 7.29 0.13 -4.64
N GLY B 376 7.01 1.44 -4.62
CA GLY B 376 7.88 2.37 -3.98
C GLY B 376 7.20 3.70 -3.92
N VAL B 377 7.63 4.55 -2.96
CA VAL B 377 7.19 5.92 -2.84
C VAL B 377 8.24 6.69 -3.57
N GLY B 378 7.93 7.19 -4.79
CA GLY B 378 8.92 7.88 -5.57
C GLY B 378 8.27 8.51 -6.75
N ASP B 379 8.89 8.28 -7.92
CA ASP B 379 8.50 8.83 -9.19
C ASP B 379 8.70 7.68 -10.15
N ILE B 380 8.07 7.73 -11.36
CA ILE B 380 8.22 6.70 -12.36
C ILE B 380 9.65 6.76 -12.83
N SER B 381 10.29 5.59 -13.05
CA SER B 381 11.70 5.52 -13.37
C SER B 381 11.86 4.62 -14.55
N GLU B 382 13.13 4.50 -15.01
CA GLU B 382 13.61 3.77 -16.16
C GLU B 382 13.22 2.32 -16.01
N ASN B 383 13.32 1.81 -14.76
CA ASN B 383 13.00 0.45 -14.36
C ASN B 383 11.54 0.17 -14.62
N ASP B 384 10.64 1.14 -14.37
CA ASP B 384 9.22 0.88 -14.45
C ASP B 384 8.72 0.63 -15.85
N VAL B 385 9.27 1.35 -16.84
CA VAL B 385 8.91 1.15 -18.22
C VAL B 385 9.43 -0.16 -18.75
N ASN B 386 10.62 -0.58 -18.26
CA ASN B 386 11.24 -1.85 -18.59
C ASN B 386 10.41 -3.01 -18.13
N LEU B 387 9.79 -2.87 -16.94
CA LEU B 387 9.00 -3.87 -16.28
C LEU B 387 7.73 -4.16 -17.04
N ALA B 388 7.11 -3.09 -17.56
CA ALA B 388 5.91 -3.08 -18.34
C ALA B 388 6.11 -3.82 -19.63
N GLU B 389 7.24 -3.54 -20.31
CA GLU B 389 7.56 -4.10 -21.59
C GLU B 389 7.83 -5.58 -21.51
N THR B 390 8.58 -6.02 -20.48
CA THR B 390 9.00 -7.39 -20.32
C THR B 390 7.86 -8.33 -20.06
N PHE B 391 7.05 -8.07 -19.01
CA PHE B 391 6.02 -9.00 -18.62
C PHE B 391 4.78 -8.88 -19.44
N HIS B 392 4.63 -7.74 -20.16
CA HIS B 392 3.48 -7.34 -20.92
C HIS B 392 2.56 -6.60 -19.99
N GLY B 393 3.12 -6.14 -18.84
CA GLY B 393 2.47 -5.31 -17.87
C GLY B 393 2.40 -3.90 -18.34
N VAL B 394 2.14 -3.00 -17.37
CA VAL B 394 1.95 -1.59 -17.58
C VAL B 394 2.45 -0.96 -16.33
N ILE B 395 2.64 0.38 -16.38
CA ILE B 395 3.18 1.15 -15.29
C ILE B 395 2.02 1.77 -14.60
N TYR B 396 1.86 1.48 -13.28
CA TYR B 396 0.83 2.03 -12.47
C TYR B 396 1.42 3.06 -11.54
N GLY B 397 1.05 4.33 -11.76
CA GLY B 397 1.45 5.49 -10.98
C GLY B 397 0.22 6.00 -10.31
N PHE B 398 0.36 6.49 -9.05
CA PHE B 398 -0.75 7.01 -8.28
C PHE B 398 -1.09 8.41 -8.71
N ASN B 399 -0.10 9.32 -8.64
CA ASN B 399 -0.19 10.71 -9.07
C ASN B 399 1.22 11.18 -9.26
N VAL B 400 2.19 10.24 -9.26
CA VAL B 400 3.61 10.46 -9.22
C VAL B 400 4.19 11.30 -10.33
N ASN B 401 3.71 11.14 -11.58
CA ASN B 401 4.18 11.83 -12.76
C ASN B 401 5.50 11.22 -13.22
N ALA B 402 5.81 11.36 -14.52
CA ALA B 402 6.95 10.75 -15.13
C ALA B 402 7.84 11.88 -15.58
N GLY B 403 9.12 11.84 -15.13
CA GLY B 403 10.17 12.75 -15.53
C GLY B 403 10.54 12.62 -16.98
N ASN B 404 11.45 13.49 -17.47
CA ASN B 404 11.85 13.55 -18.85
C ASN B 404 12.54 12.32 -19.34
N VAL B 405 13.49 11.78 -18.53
CA VAL B 405 14.31 10.63 -18.89
C VAL B 405 13.52 9.35 -18.99
N ILE B 406 12.58 9.10 -18.04
CA ILE B 406 11.75 7.91 -18.02
C ILE B 406 10.85 7.87 -19.23
N GLN B 407 10.30 9.03 -19.64
CA GLN B 407 9.45 9.19 -20.78
C GLN B 407 10.14 8.80 -22.08
N GLN B 408 11.45 9.15 -22.22
CA GLN B 408 12.26 8.79 -23.35
C GLN B 408 12.50 7.30 -23.36
N LEU B 409 12.80 6.73 -22.16
CA LEU B 409 13.07 5.33 -21.96
C LEU B 409 11.85 4.51 -22.31
N ALA B 410 10.64 5.05 -21.95
CA ALA B 410 9.33 4.48 -22.17
C ALA B 410 9.08 4.28 -23.62
N ALA B 411 9.44 5.28 -24.45
CA ALA B 411 9.26 5.28 -25.89
C ALA B 411 10.10 4.21 -26.54
N LYS B 412 11.35 4.02 -26.07
CA LYS B 412 12.23 2.98 -26.56
C LYS B 412 11.68 1.60 -26.28
N LYS B 413 11.11 1.43 -25.07
CA LYS B 413 10.49 0.21 -24.60
C LYS B 413 9.15 -0.06 -25.24
N GLY B 414 8.49 0.96 -25.82
CA GLY B 414 7.27 0.77 -26.56
C GLY B 414 6.07 0.72 -25.64
N VAL B 415 6.21 1.26 -24.41
CA VAL B 415 5.16 1.30 -23.41
C VAL B 415 5.01 2.73 -23.01
N LYS B 416 3.95 3.05 -22.23
CA LYS B 416 3.72 4.39 -21.78
C LYS B 416 3.04 4.29 -20.46
N ILE B 417 3.40 5.22 -19.55
CA ILE B 417 2.93 5.28 -18.18
C ILE B 417 1.46 5.60 -18.06
N LYS B 418 0.83 5.00 -17.03
CA LYS B 418 -0.53 5.31 -16.65
C LYS B 418 -0.34 5.87 -15.29
N LEU B 419 -0.81 7.10 -15.04
CA LEU B 419 -0.72 7.67 -13.73
C LEU B 419 -1.76 8.71 -13.63
N HIS B 420 -2.06 9.16 -12.37
CA HIS B 420 -3.01 10.20 -12.05
C HIS B 420 -4.37 9.76 -12.55
N LYS B 421 -4.69 8.49 -12.25
CA LYS B 421 -5.71 7.72 -12.92
C LYS B 421 -7.11 8.22 -12.74
N ILE B 422 -7.51 8.55 -11.49
CA ILE B 422 -8.86 8.91 -11.09
C ILE B 422 -9.74 7.68 -11.14
N ILE B 423 -10.16 7.00 -10.05
CA ILE B 423 -9.54 7.00 -8.74
C ILE B 423 -8.04 6.68 -8.88
N TYR B 424 -7.21 7.25 -8.03
CA TYR B 424 -5.77 7.31 -8.16
C TYR B 424 -5.20 6.00 -7.74
N ARG B 425 -6.02 5.22 -6.98
CA ARG B 425 -5.69 3.95 -6.40
C ARG B 425 -5.38 2.99 -7.50
N LEU B 426 -4.45 2.08 -7.22
CA LEU B 426 -3.92 1.20 -8.23
C LEU B 426 -4.52 -0.14 -8.04
N ILE B 427 -5.24 -0.35 -6.92
CA ILE B 427 -5.73 -1.65 -6.51
C ILE B 427 -6.83 -2.14 -7.37
N GLU B 428 -7.55 -1.24 -8.06
CA GLU B 428 -8.62 -1.59 -8.94
C GLU B 428 -8.07 -2.18 -10.21
N ASP B 429 -6.97 -1.58 -10.72
CA ASP B 429 -6.25 -1.98 -11.90
C ASP B 429 -5.56 -3.31 -11.69
N LEU B 430 -4.87 -3.43 -10.55
CA LEU B 430 -4.18 -4.60 -10.07
C LEU B 430 -5.08 -5.79 -9.87
N GLN B 431 -6.35 -5.54 -9.45
CA GLN B 431 -7.35 -6.56 -9.26
C GLN B 431 -8.08 -6.85 -10.54
N GLU B 432 -7.87 -6.05 -11.61
CA GLU B 432 -8.45 -6.33 -12.90
C GLU B 432 -7.54 -7.28 -13.62
N GLU B 433 -6.21 -7.05 -13.55
CA GLU B 433 -5.21 -7.97 -14.05
C GLU B 433 -5.29 -9.33 -13.42
N LEU B 434 -5.62 -9.35 -12.11
CA LEU B 434 -5.90 -10.49 -11.29
C LEU B 434 -7.00 -11.33 -11.89
N SER B 435 -8.27 -10.93 -11.65
CA SER B 435 -9.46 -11.64 -12.01
C SER B 435 -10.32 -10.70 -12.82
N SER B 436 -11.09 -11.26 -13.79
CA SER B 436 -11.78 -10.47 -14.79
C SER B 436 -12.55 -11.45 -15.64
N ARG B 437 -11.86 -12.52 -16.09
CA ARG B 437 -12.41 -13.58 -16.89
C ARG B 437 -11.48 -14.76 -16.69
N LEU B 438 -10.42 -14.54 -15.88
CA LEU B 438 -9.47 -15.53 -15.44
C LEU B 438 -10.10 -16.61 -14.57
N PRO B 439 -10.94 -16.40 -13.54
CA PRO B 439 -11.53 -17.48 -12.77
C PRO B 439 -12.73 -18.07 -13.47
N CYS B 440 -13.25 -17.42 -14.54
CA CYS B 440 -14.28 -18.00 -15.40
C CYS B 440 -13.65 -19.11 -16.18
N ILE B 441 -14.17 -20.35 -15.99
CA ILE B 441 -13.61 -21.53 -16.61
C ILE B 441 -14.66 -22.61 -16.54
N VAL B 442 -15.83 -22.32 -15.92
CA VAL B 442 -17.01 -23.17 -15.96
C VAL B 442 -18.22 -22.26 -16.00
N GLU B 443 -18.02 -20.96 -15.72
CA GLU B 443 -19.01 -19.92 -15.89
C GLU B 443 -19.45 -19.71 -17.31
N GLU B 444 -20.77 -19.45 -17.46
CA GLU B 444 -21.43 -19.17 -18.71
C GLU B 444 -21.03 -17.80 -19.18
N HIS B 445 -21.00 -17.61 -20.52
CA HIS B 445 -20.60 -16.37 -21.14
C HIS B 445 -20.62 -16.69 -22.61
N PRO B 446 -21.33 -15.95 -23.47
CA PRO B 446 -21.14 -16.00 -24.90
C PRO B 446 -19.73 -15.67 -25.31
N ILE B 447 -19.02 -16.63 -25.95
CA ILE B 447 -17.64 -16.49 -26.43
C ILE B 447 -17.44 -17.53 -27.50
N GLY B 448 -18.54 -18.15 -27.95
CA GLY B 448 -18.45 -19.18 -28.93
C GLY B 448 -19.80 -19.35 -29.51
N GLU B 449 -20.43 -18.24 -29.93
CA GLU B 449 -21.76 -18.27 -30.48
C GLU B 449 -21.78 -18.80 -31.90
N ALA B 450 -22.86 -19.50 -32.24
CA ALA B 450 -23.00 -20.19 -33.51
C ALA B 450 -24.46 -20.32 -33.65
N SER B 451 -24.97 -20.65 -34.84
CA SER B 451 -26.39 -20.93 -34.98
C SER B 451 -26.47 -22.37 -35.37
N ILE B 452 -27.49 -23.08 -34.83
CA ILE B 452 -27.68 -24.48 -35.11
C ILE B 452 -28.37 -24.54 -36.45
N LEU B 453 -27.83 -25.40 -37.34
CA LEU B 453 -28.29 -25.57 -38.69
C LEU B 453 -29.39 -26.59 -38.72
N ALA B 454 -29.12 -27.78 -38.13
CA ALA B 454 -30.03 -28.89 -38.21
C ALA B 454 -29.63 -29.84 -37.12
N THR B 455 -30.29 -31.02 -37.07
CA THR B 455 -29.73 -32.14 -36.37
C THR B 455 -29.91 -33.31 -37.27
N PHE B 456 -29.04 -34.31 -37.07
CA PHE B 456 -29.00 -35.55 -37.81
C PHE B 456 -29.17 -36.65 -36.82
N SER B 457 -30.27 -36.58 -36.03
CA SER B 457 -30.82 -37.71 -35.29
C SER B 457 -31.31 -38.68 -36.32
N ILE B 458 -31.87 -38.09 -37.40
CA ILE B 458 -32.42 -38.71 -38.56
C ILE B 458 -31.28 -38.90 -39.51
N THR B 459 -31.52 -39.62 -40.62
CA THR B 459 -30.53 -39.92 -41.61
C THR B 459 -30.13 -38.67 -42.37
N GLU B 460 -28.88 -38.66 -42.87
CA GLU B 460 -28.36 -37.65 -43.75
C GLU B 460 -27.43 -38.38 -44.67
N GLY B 461 -27.69 -39.70 -44.83
CA GLY B 461 -26.81 -40.65 -45.47
C GLY B 461 -26.25 -41.51 -44.37
N LYS B 462 -26.42 -41.08 -43.10
CA LYS B 462 -26.14 -41.91 -41.96
C LYS B 462 -27.09 -41.43 -40.91
N LYS B 463 -27.83 -42.38 -40.29
CA LYS B 463 -28.66 -42.11 -39.14
C LYS B 463 -27.77 -42.35 -37.96
N LYS B 464 -27.70 -41.35 -37.06
CA LYS B 464 -26.80 -41.38 -35.93
C LYS B 464 -27.58 -40.97 -34.72
N VAL B 465 -26.82 -40.46 -33.72
CA VAL B 465 -27.29 -39.81 -32.52
C VAL B 465 -27.74 -38.41 -32.95
N PRO B 466 -28.29 -37.58 -32.07
CA PRO B 466 -28.66 -36.21 -32.42
C PRO B 466 -27.49 -35.29 -32.63
N VAL B 467 -26.73 -35.54 -33.72
CA VAL B 467 -25.62 -34.80 -34.26
C VAL B 467 -26.10 -33.49 -34.75
N ALA B 468 -25.73 -32.36 -34.10
CA ALA B 468 -26.26 -31.09 -34.49
C ALA B 468 -25.19 -30.41 -35.28
N GLY B 469 -25.58 -30.01 -36.51
CA GLY B 469 -24.74 -29.28 -37.41
C GLY B 469 -24.91 -27.87 -36.99
N CYS B 470 -23.81 -27.10 -36.89
CA CYS B 470 -23.92 -25.72 -36.51
C CYS B 470 -22.95 -24.91 -37.30
N ARG B 471 -23.39 -23.70 -37.72
CA ARG B 471 -22.56 -22.76 -38.40
C ARG B 471 -22.01 -21.83 -37.36
N VAL B 472 -20.68 -21.93 -37.14
CA VAL B 472 -19.94 -21.14 -36.19
C VAL B 472 -19.73 -19.78 -36.77
N GLN B 473 -19.92 -18.71 -35.97
CA GLN B 473 -19.81 -17.37 -36.49
C GLN B 473 -19.25 -16.46 -35.43
N LYS B 474 -18.92 -17.04 -34.25
CA LYS B 474 -18.24 -16.36 -33.19
C LYS B 474 -17.58 -17.48 -32.45
N GLY B 475 -16.35 -17.24 -31.93
CA GLY B 475 -15.51 -18.25 -31.31
C GLY B 475 -15.48 -19.58 -31.99
N GLN B 476 -15.72 -20.65 -31.20
CA GLN B 476 -15.42 -22.00 -31.55
C GLN B 476 -16.42 -22.90 -30.91
N ILE B 477 -17.33 -23.53 -31.72
CA ILE B 477 -18.07 -24.67 -31.20
C ILE B 477 -17.11 -25.82 -31.42
N GLU B 478 -16.47 -26.23 -30.32
CA GLU B 478 -15.51 -27.29 -30.28
C GLU B 478 -15.82 -28.11 -29.09
N LYS B 479 -15.27 -29.34 -29.03
CA LYS B 479 -15.52 -30.26 -27.96
C LYS B 479 -14.81 -29.84 -26.69
N GLN B 480 -13.82 -28.90 -26.78
CA GLN B 480 -13.14 -28.31 -25.64
C GLN B 480 -14.10 -27.51 -24.80
N LYS B 481 -14.94 -26.65 -25.45
CA LYS B 481 -15.78 -25.72 -24.74
C LYS B 481 -17.03 -26.44 -24.31
N LYS B 482 -17.83 -25.75 -23.48
CA LYS B 482 -19.08 -26.23 -22.96
C LYS B 482 -20.11 -25.51 -23.77
N PHE B 483 -21.41 -25.82 -23.59
CA PHE B 483 -22.43 -25.18 -24.36
C PHE B 483 -23.63 -24.90 -23.51
N LYS B 484 -24.41 -23.92 -23.97
CA LYS B 484 -25.73 -23.64 -23.51
C LYS B 484 -26.31 -23.15 -24.79
N LEU B 485 -27.19 -23.93 -25.44
CA LEU B 485 -27.81 -23.47 -26.66
C LEU B 485 -29.17 -23.03 -26.31
N ILE B 486 -29.53 -21.85 -26.86
CA ILE B 486 -30.67 -21.08 -26.53
C ILE B 486 -31.43 -20.96 -27.82
N ARG B 487 -32.74 -21.26 -27.75
CA ARG B 487 -33.65 -21.22 -28.87
C ARG B 487 -33.86 -19.82 -29.37
N ASN B 488 -34.03 -18.87 -28.43
CA ASN B 488 -33.90 -17.46 -28.70
C ASN B 488 -33.41 -16.84 -27.42
N GLY B 489 -33.59 -17.54 -26.29
CA GLY B 489 -33.10 -17.12 -25.01
C GLY B 489 -33.40 -18.22 -24.03
N HIS B 490 -34.33 -19.14 -24.41
CA HIS B 490 -34.79 -20.22 -23.58
C HIS B 490 -33.82 -21.33 -23.83
N VAL B 491 -33.18 -21.86 -22.75
CA VAL B 491 -32.21 -22.92 -22.90
C VAL B 491 -32.88 -24.20 -23.34
N ILE B 492 -32.33 -24.82 -24.41
CA ILE B 492 -32.67 -26.11 -24.95
C ILE B 492 -31.99 -27.14 -24.10
N TRP B 493 -30.65 -27.02 -23.98
CA TRP B 493 -29.89 -27.82 -23.06
C TRP B 493 -28.63 -27.06 -22.78
N LYS B 494 -27.96 -27.43 -21.68
CA LYS B 494 -26.75 -26.84 -21.21
C LYS B 494 -25.97 -27.99 -20.67
N GLY B 495 -24.65 -28.00 -20.92
CA GLY B 495 -23.83 -29.11 -20.54
C GLY B 495 -22.50 -28.82 -21.11
N SER B 496 -21.69 -29.88 -21.36
CA SER B 496 -20.39 -29.74 -21.98
C SER B 496 -20.52 -30.32 -23.35
N LEU B 497 -19.41 -30.34 -24.13
CA LEU B 497 -19.39 -30.91 -25.46
C LEU B 497 -18.38 -32.00 -25.37
N ILE B 498 -18.72 -33.20 -25.92
CA ILE B 498 -17.87 -34.36 -25.83
C ILE B 498 -18.04 -35.19 -27.08
N SER B 499 -18.59 -34.60 -28.18
CA SER B 499 -18.77 -35.32 -29.42
C SER B 499 -18.38 -34.42 -30.54
N LEU B 500 -18.13 -35.04 -31.71
CA LEU B 500 -17.81 -34.39 -32.97
C LEU B 500 -18.31 -35.31 -34.06
N LYS B 501 -19.15 -36.31 -33.70
CA LYS B 501 -19.70 -37.33 -34.57
C LYS B 501 -20.51 -36.69 -35.67
N HIS B 502 -20.30 -37.11 -36.94
CA HIS B 502 -21.06 -36.60 -38.06
C HIS B 502 -21.00 -37.64 -39.13
N HIS B 503 -21.12 -37.23 -40.41
CA HIS B 503 -21.04 -38.11 -41.53
C HIS B 503 -20.77 -37.27 -42.75
N LYS B 504 -20.85 -35.93 -42.68
CA LYS B 504 -20.41 -35.08 -43.77
C LYS B 504 -18.94 -34.81 -43.60
N ASP B 505 -18.55 -34.33 -42.39
CA ASP B 505 -17.21 -33.86 -42.16
C ASP B 505 -17.01 -34.00 -40.68
N ASP B 506 -15.77 -34.29 -40.26
CA ASP B 506 -15.43 -34.37 -38.87
C ASP B 506 -14.20 -33.54 -38.69
N THR B 507 -14.25 -32.62 -37.72
CA THR B 507 -13.25 -31.60 -37.53
C THR B 507 -13.15 -31.46 -36.05
N SER B 508 -11.91 -31.22 -35.54
CA SER B 508 -11.58 -30.99 -34.14
C SER B 508 -12.31 -29.79 -33.60
N VAL B 509 -12.44 -28.75 -34.44
CA VAL B 509 -12.98 -27.49 -34.05
C VAL B 509 -13.81 -27.10 -35.23
N VAL B 510 -14.99 -26.51 -34.93
CA VAL B 510 -15.87 -25.94 -35.92
C VAL B 510 -15.72 -24.47 -35.68
N LYS B 511 -15.15 -23.73 -36.65
CA LYS B 511 -14.82 -22.34 -36.47
C LYS B 511 -15.24 -21.57 -37.68
N THR B 512 -15.52 -20.25 -37.53
CA THR B 512 -15.50 -19.23 -38.56
C THR B 512 -16.78 -19.15 -39.37
N GLY B 513 -17.18 -20.26 -40.02
CA GLY B 513 -18.32 -20.29 -40.90
C GLY B 513 -18.55 -21.70 -41.31
N MET B 514 -17.59 -22.59 -40.97
CA MET B 514 -17.66 -24.02 -41.14
C MET B 514 -18.87 -24.59 -40.45
N ASP B 515 -19.43 -25.64 -41.06
CA ASP B 515 -20.49 -26.38 -40.45
C ASP B 515 -19.89 -27.73 -40.31
N CYS B 516 -20.10 -28.32 -39.13
CA CYS B 516 -19.70 -29.66 -38.84
C CYS B 516 -20.77 -30.06 -37.88
N GLY B 517 -20.93 -31.38 -37.74
CA GLY B 517 -21.93 -31.96 -36.93
C GLY B 517 -21.27 -32.45 -35.70
N LEU B 518 -21.87 -32.08 -34.56
CA LEU B 518 -21.45 -32.59 -33.30
C LEU B 518 -22.71 -32.62 -32.53
N SER B 519 -23.00 -33.74 -31.82
CA SER B 519 -24.06 -33.75 -30.86
C SER B 519 -23.60 -32.91 -29.71
N LEU B 520 -24.50 -32.14 -29.08
CA LEU B 520 -24.07 -31.16 -28.11
C LEU B 520 -24.19 -31.87 -26.80
N ASP B 521 -23.00 -32.20 -26.23
CA ASP B 521 -22.76 -33.25 -25.28
C ASP B 521 -22.67 -34.53 -26.08
N GLU B 522 -23.27 -35.63 -25.59
CA GLU B 522 -23.35 -36.86 -26.32
C GLU B 522 -24.81 -37.13 -26.39
N GLU B 523 -25.33 -37.30 -27.62
CA GLU B 523 -26.69 -37.01 -27.99
C GLU B 523 -27.11 -35.61 -27.62
N LYS B 524 -28.44 -35.36 -27.65
CA LYS B 524 -29.04 -34.11 -27.33
C LYS B 524 -30.38 -34.55 -26.83
N ILE B 525 -30.97 -33.82 -25.87
CA ILE B 525 -32.15 -34.28 -25.16
C ILE B 525 -33.35 -33.61 -25.77
N GLU B 526 -33.11 -32.53 -26.54
CA GLU B 526 -34.07 -31.91 -27.41
C GLU B 526 -33.21 -31.51 -28.55
N PHE B 527 -33.68 -31.73 -29.79
CA PHE B 527 -32.88 -31.56 -30.97
C PHE B 527 -33.79 -31.18 -32.08
N LYS B 528 -33.24 -30.38 -33.03
CA LYS B 528 -33.92 -29.80 -34.16
C LYS B 528 -34.67 -28.58 -33.70
N VAL B 529 -34.47 -27.43 -34.39
CA VAL B 529 -34.92 -26.10 -34.02
C VAL B 529 -34.07 -25.56 -32.89
N GLY B 530 -33.82 -24.24 -32.92
CA GLY B 530 -32.91 -23.58 -32.02
C GLY B 530 -32.26 -22.49 -32.78
N ASP B 531 -31.44 -21.68 -32.07
CA ASP B 531 -30.74 -20.58 -32.68
C ASP B 531 -29.38 -20.64 -32.06
N ALA B 532 -28.98 -19.61 -31.28
CA ALA B 532 -27.63 -19.46 -30.86
C ALA B 532 -27.18 -20.54 -29.92
N ILE B 533 -25.92 -21.01 -30.08
CA ILE B 533 -25.35 -22.02 -29.24
C ILE B 533 -24.32 -21.14 -28.65
N ILE B 534 -24.43 -20.77 -27.36
CA ILE B 534 -23.36 -20.03 -26.73
C ILE B 534 -22.46 -21.09 -26.19
N CYS B 535 -21.26 -21.20 -26.77
CA CYS B 535 -20.23 -22.00 -26.16
C CYS B 535 -19.54 -21.12 -25.18
N TYR B 536 -19.25 -21.72 -24.00
CA TYR B 536 -18.80 -20.98 -22.86
C TYR B 536 -17.70 -21.80 -22.29
N GLU B 537 -16.68 -21.12 -21.74
CA GLU B 537 -15.58 -21.79 -21.09
C GLU B 537 -16.04 -21.98 -19.65
#